data_3MD9
#
_entry.id   3MD9
#
_cell.length_a   61.710
_cell.length_b   66.740
_cell.length_c   62.270
_cell.angle_alpha   90.00
_cell.angle_beta   110.70
_cell.angle_gamma   90.00
#
_symmetry.space_group_name_H-M   'P 1 21 1'
#
loop_
_entity.id
_entity.type
_entity.pdbx_description
1 polymer 'Hemin-binding periplasmic protein hmuT'
2 non-polymer 'BROMIDE ION'
3 non-polymer GLYCEROL
4 non-polymer 'SULFATE ION'
5 water water
#
_entity_poly.entity_id   1
_entity_poly.type   'polypeptide(L)'
_entity_poly.pdbx_seq_one_letter_code
;MAERIVTIGGDVTEIAYALGAGDEIVARDSTSQQPQAAQKLPDVGYMRTLNAEGILAMKPTMLLVSELAQPSLVLTQIAS
SGVNVVTVPGQTTPESVAMKINAVATALHQTEKGQKLIEDYQQRLAAVNKTPLPVKVLFVMSHGGLTPMAAGQNTAADAM
IRAAGGSNAMQGFSRYRPLSQEGVIASAPDLLLITTDGVKALGSSENIWKLPGMALTPAGKHKRLLVVDDMALLGFGLET
PQVLAQLREKMEQMQ
;
_entity_poly.pdbx_strand_id   A,B
#
# COMPACT_ATOMS: atom_id res chain seq x y z
N ALA A 2 11.37 -31.51 -4.96
CA ALA A 2 10.43 -32.43 -4.35
C ALA A 2 9.90 -31.86 -3.05
N GLU A 3 10.45 -30.73 -2.65
CA GLU A 3 9.92 -30.08 -1.45
C GLU A 3 8.87 -29.05 -1.81
N ARG A 4 8.02 -28.74 -0.84
CA ARG A 4 6.97 -27.76 -1.02
C ARG A 4 7.17 -26.77 0.11
N ILE A 5 7.62 -25.57 -0.24
CA ILE A 5 8.04 -24.58 0.74
C ILE A 5 7.01 -23.47 0.88
N VAL A 6 6.61 -23.18 2.11
CA VAL A 6 5.82 -21.97 2.37
C VAL A 6 6.78 -20.99 3.04
N THR A 7 6.84 -19.76 2.54
CA THR A 7 7.74 -18.75 3.09
C THR A 7 6.96 -17.62 3.74
N ILE A 8 7.35 -17.25 4.95
CA ILE A 8 6.64 -16.24 5.73
C ILE A 8 7.59 -15.13 6.14
N GLY A 9 7.29 -13.92 5.66
CA GLY A 9 8.14 -12.75 5.88
C GLY A 9 8.74 -12.32 4.55
N GLY A 10 8.47 -11.10 4.12
CA GLY A 10 8.93 -10.70 2.79
C GLY A 10 10.44 -10.76 2.65
N ASP A 11 11.16 -10.51 3.75
CA ASP A 11 12.63 -10.68 3.75
C ASP A 11 13.01 -12.12 3.44
N VAL A 12 12.35 -13.07 4.11
CA VAL A 12 12.61 -14.48 3.93
C VAL A 12 12.29 -14.94 2.52
N THR A 13 11.10 -14.59 2.02
CA THR A 13 10.71 -15.00 0.67
C THR A 13 11.71 -14.52 -0.39
N GLU A 14 12.08 -13.24 -0.30
CA GLU A 14 13.02 -12.71 -1.28
C GLU A 14 14.35 -13.43 -1.23
N ILE A 15 14.84 -13.74 -0.03
CA ILE A 15 16.08 -14.50 0.10
C ILE A 15 15.96 -15.89 -0.50
N ALA A 16 14.85 -16.57 -0.25
CA ALA A 16 14.68 -17.92 -0.77
C ALA A 16 14.70 -17.91 -2.31
N TYR A 17 14.00 -16.95 -2.91
CA TYR A 17 14.09 -16.80 -4.36
C TYR A 17 15.52 -16.52 -4.83
N ALA A 18 16.24 -15.68 -4.09
CA ALA A 18 17.60 -15.28 -4.49
C ALA A 18 18.55 -16.46 -4.46
N LEU A 19 18.23 -17.46 -3.65
CA LEU A 19 19.04 -18.67 -3.51
C LEU A 19 18.58 -19.79 -4.46
N GLY A 20 17.61 -19.48 -5.31
CA GLY A 20 17.20 -20.39 -6.37
C GLY A 20 16.09 -21.39 -6.04
N ALA A 21 15.35 -21.13 -4.98
CA ALA A 21 14.30 -22.04 -4.53
C ALA A 21 12.92 -21.76 -5.13
N GLY A 22 12.85 -20.81 -6.06
CA GLY A 22 11.59 -20.41 -6.64
C GLY A 22 10.65 -21.53 -7.05
N ASP A 23 11.19 -22.52 -7.75
CA ASP A 23 10.39 -23.64 -8.26
C ASP A 23 9.69 -24.42 -7.15
N GLU A 24 10.22 -24.36 -5.93
CA GLU A 24 9.69 -25.13 -4.82
C GLU A 24 8.85 -24.33 -3.83
N ILE A 25 8.75 -23.03 -4.04
CA ILE A 25 7.93 -22.22 -3.16
C ILE A 25 6.47 -22.27 -3.61
N VAL A 26 5.59 -22.73 -2.72
CA VAL A 26 4.19 -22.94 -3.10
C VAL A 26 3.23 -21.89 -2.55
N ALA A 27 3.64 -21.15 -1.53
CA ALA A 27 2.79 -20.10 -0.99
C ALA A 27 3.64 -19.19 -0.12
N ARG A 28 3.08 -18.03 0.20
CA ARG A 28 3.77 -17.03 1.01
C ARG A 28 2.76 -16.24 1.84
N ASP A 29 3.26 -15.37 2.71
CA ASP A 29 2.39 -14.49 3.46
C ASP A 29 2.15 -13.17 2.70
N SER A 30 1.25 -12.37 3.25
CA SER A 30 0.92 -11.07 2.67
C SER A 30 2.08 -10.04 2.63
N THR A 31 3.08 -10.16 3.49
CA THR A 31 4.21 -9.21 3.46
C THR A 31 5.20 -9.53 2.35
N SER A 32 4.95 -10.63 1.64
CA SER A 32 5.89 -11.11 0.64
C SER A 32 5.43 -10.72 -0.76
N GLN A 33 6.04 -9.69 -1.33
CA GLN A 33 5.66 -9.22 -2.65
C GLN A 33 6.85 -9.16 -3.61
N GLN A 34 8.02 -9.63 -3.15
CA GLN A 34 9.24 -9.62 -3.96
C GLN A 34 9.93 -10.98 -3.98
N PRO A 35 10.48 -11.37 -5.14
CA PRO A 35 10.38 -10.70 -6.43
C PRO A 35 8.96 -10.82 -6.98
N GLN A 36 8.71 -10.30 -8.18
CA GLN A 36 7.35 -10.27 -8.71
C GLN A 36 6.69 -11.64 -8.82
N ALA A 37 7.49 -12.68 -9.05
CA ALA A 37 6.96 -14.04 -9.09
C ALA A 37 6.17 -14.40 -7.82
N ALA A 38 6.64 -13.92 -6.67
CA ALA A 38 5.98 -14.24 -5.40
C ALA A 38 4.54 -13.77 -5.40
N GLN A 39 4.24 -12.71 -6.16
CA GLN A 39 2.91 -12.09 -6.09
C GLN A 39 1.83 -13.00 -6.67
N LYS A 40 2.25 -13.95 -7.50
CA LYS A 40 1.33 -14.88 -8.14
C LYS A 40 1.00 -16.11 -7.29
N LEU A 41 1.73 -16.28 -6.19
CA LEU A 41 1.50 -17.41 -5.31
C LEU A 41 0.36 -17.17 -4.33
N PRO A 42 -0.30 -18.25 -3.89
CA PRO A 42 -1.32 -18.12 -2.85
C PRO A 42 -0.75 -17.44 -1.60
N ASP A 43 -1.60 -16.67 -0.95
CA ASP A 43 -1.26 -15.88 0.22
C ASP A 43 -1.93 -16.54 1.44
N VAL A 44 -1.13 -16.97 2.40
CA VAL A 44 -1.64 -17.73 3.54
C VAL A 44 -2.16 -16.88 4.70
N GLY A 45 -2.00 -15.57 4.59
CA GLY A 45 -2.38 -14.68 5.68
C GLY A 45 -1.28 -13.71 6.02
N TYR A 46 -1.56 -12.79 6.93
CA TYR A 46 -0.54 -11.83 7.34
C TYR A 46 0.41 -12.50 8.34
N MET A 47 1.68 -12.11 8.27
CA MET A 47 2.75 -12.70 9.08
C MET A 47 2.40 -12.67 10.57
N ARG A 48 1.73 -11.63 11.03
CA ARG A 48 1.46 -11.51 12.46
C ARG A 48 0.07 -11.98 12.88
N THR A 49 -0.70 -12.52 11.93
CA THR A 49 -1.99 -13.10 12.25
C THR A 49 -2.21 -14.41 11.50
N LEU A 50 -1.25 -15.31 11.64
CA LEU A 50 -1.31 -16.60 10.93
C LEU A 50 -2.35 -17.53 11.52
N ASN A 51 -2.80 -18.48 10.70
CA ASN A 51 -3.56 -19.62 11.20
C ASN A 51 -3.03 -20.89 10.57
N ALA A 52 -3.09 -21.99 11.31
CA ALA A 52 -2.47 -23.23 10.85
C ALA A 52 -3.12 -23.77 9.59
N GLU A 53 -4.44 -23.73 9.51
CA GLU A 53 -5.16 -24.31 8.39
C GLU A 53 -4.76 -23.73 7.04
N GLY A 54 -4.55 -22.42 7.01
CA GLY A 54 -4.16 -21.73 5.79
C GLY A 54 -2.82 -22.19 5.24
N ILE A 55 -1.91 -22.51 6.15
CA ILE A 55 -0.60 -23.02 5.78
C ILE A 55 -0.69 -24.51 5.45
N LEU A 56 -1.36 -25.28 6.31
CA LEU A 56 -1.46 -26.72 6.10
C LEU A 56 -2.20 -27.05 4.80
N ALA A 57 -3.10 -26.14 4.38
CA ALA A 57 -3.86 -26.37 3.15
C ALA A 57 -2.94 -26.48 1.94
N MET A 58 -1.73 -25.92 2.06
CA MET A 58 -0.77 -25.90 0.97
C MET A 58 0.11 -27.15 0.96
N LYS A 59 -0.15 -28.06 1.90
CA LYS A 59 0.59 -29.31 2.02
C LYS A 59 2.10 -29.09 1.95
N PRO A 60 2.61 -28.21 2.81
CA PRO A 60 4.05 -27.94 2.78
C PRO A 60 4.89 -29.09 3.32
N THR A 61 6.14 -29.20 2.87
CA THR A 61 7.13 -30.03 3.54
C THR A 61 7.99 -29.20 4.46
N MET A 62 8.13 -27.91 4.14
CA MET A 62 8.99 -27.00 4.88
C MET A 62 8.30 -25.65 5.04
N LEU A 63 8.39 -25.07 6.23
CA LEU A 63 7.91 -23.71 6.46
C LEU A 63 9.13 -22.89 6.86
N LEU A 64 9.53 -21.96 5.99
CA LEU A 64 10.60 -21.02 6.26
C LEU A 64 9.97 -19.76 6.80
N VAL A 65 10.15 -19.46 8.08
CA VAL A 65 9.32 -18.45 8.71
C VAL A 65 10.11 -17.46 9.56
N SER A 66 9.90 -16.19 9.31
CA SER A 66 10.48 -15.15 10.16
C SER A 66 10.13 -15.33 11.63
N GLU A 67 11.10 -15.07 12.50
CA GLU A 67 10.87 -15.04 13.94
C GLU A 67 9.80 -14.03 14.34
N LEU A 68 9.50 -13.09 13.45
CA LEU A 68 8.50 -12.06 13.74
C LEU A 68 7.07 -12.57 13.58
N ALA A 69 6.92 -13.78 13.05
CA ALA A 69 5.57 -14.32 12.82
C ALA A 69 4.80 -14.56 14.11
N GLN A 70 3.49 -14.36 14.05
CA GLN A 70 2.62 -14.61 15.21
C GLN A 70 1.31 -15.19 14.72
N PRO A 71 0.60 -15.93 15.58
CA PRO A 71 1.04 -16.31 16.93
C PRO A 71 2.01 -17.48 16.90
N SER A 72 2.90 -17.52 17.88
CA SER A 72 3.88 -18.58 17.97
C SER A 72 3.24 -19.97 18.02
N LEU A 73 2.06 -20.07 18.63
CA LEU A 73 1.36 -21.35 18.70
C LEU A 73 1.17 -21.98 17.32
N VAL A 74 0.92 -21.15 16.32
CA VAL A 74 0.69 -21.69 14.97
C VAL A 74 1.94 -22.40 14.46
N LEU A 75 3.13 -21.88 14.78
CA LEU A 75 4.37 -22.55 14.35
C LEU A 75 4.52 -23.92 15.03
N THR A 76 4.16 -23.98 16.30
CA THR A 76 4.22 -25.20 17.08
C THR A 76 3.27 -26.23 16.48
N GLN A 77 2.06 -25.79 16.11
CA GLN A 77 1.07 -26.68 15.50
C GLN A 77 1.58 -27.23 14.17
N ILE A 78 2.18 -26.36 13.37
CA ILE A 78 2.70 -26.79 12.07
C ILE A 78 3.83 -27.81 12.25
N ALA A 79 4.73 -27.56 13.20
CA ALA A 79 5.82 -28.49 13.45
C ALA A 79 5.27 -29.84 13.91
N SER A 80 4.20 -29.82 14.71
CA SER A 80 3.64 -31.08 15.22
C SER A 80 3.00 -31.91 14.10
N SER A 81 2.69 -31.26 12.98
CA SER A 81 2.09 -31.92 11.83
C SER A 81 3.13 -32.54 10.90
N GLY A 82 4.39 -32.50 11.33
CA GLY A 82 5.43 -33.14 10.54
C GLY A 82 6.17 -32.25 9.55
N VAL A 83 5.76 -30.99 9.46
CA VAL A 83 6.42 -30.03 8.58
C VAL A 83 7.72 -29.57 9.23
N ASN A 84 8.77 -29.45 8.42
CA ASN A 84 10.03 -28.90 8.91
C ASN A 84 9.93 -27.40 9.03
N VAL A 85 9.82 -26.93 10.27
CA VAL A 85 9.71 -25.51 10.52
C VAL A 85 11.07 -24.92 10.81
N VAL A 86 11.53 -24.03 9.92
CA VAL A 86 12.83 -23.38 10.04
C VAL A 86 12.58 -21.92 10.38
N THR A 87 12.96 -21.50 11.58
CA THR A 87 12.81 -20.11 11.98
C THR A 87 14.00 -19.27 11.48
N VAL A 88 13.68 -18.12 10.91
CA VAL A 88 14.69 -17.24 10.34
C VAL A 88 14.78 -16.02 11.27
N PRO A 89 15.99 -15.64 11.65
CA PRO A 89 16.15 -14.55 12.60
C PRO A 89 15.44 -13.28 12.18
N GLY A 90 14.95 -12.55 13.17
CA GLY A 90 14.13 -11.37 12.91
C GLY A 90 14.69 -10.09 13.47
N GLN A 91 15.94 -10.12 13.93
CA GLN A 91 16.57 -8.93 14.48
C GLN A 91 16.63 -7.85 13.43
N THR A 92 16.32 -6.63 13.83
CA THR A 92 16.24 -5.54 12.89
C THR A 92 17.53 -4.78 12.97
N THR A 93 18.60 -5.38 12.46
CA THR A 93 19.92 -4.75 12.41
C THR A 93 20.60 -5.11 11.09
N PRO A 94 21.52 -4.26 10.63
CA PRO A 94 22.29 -4.62 9.43
C PRO A 94 23.07 -5.93 9.53
N GLU A 95 23.61 -6.28 10.71
CA GLU A 95 24.25 -7.60 10.92
C GLU A 95 23.29 -8.76 10.73
N SER A 96 22.01 -8.52 10.99
CA SER A 96 21.02 -9.58 10.97
C SER A 96 20.77 -10.12 9.56
N VAL A 97 20.88 -9.28 8.53
CA VAL A 97 20.57 -9.75 7.17
C VAL A 97 21.41 -10.97 6.79
N ALA A 98 22.71 -10.91 7.11
CA ALA A 98 23.57 -12.06 6.83
C ALA A 98 23.13 -13.31 7.61
N MET A 99 22.65 -13.14 8.85
CA MET A 99 22.18 -14.29 9.60
C MET A 99 20.91 -14.86 8.96
N LYS A 100 20.08 -13.99 8.39
CA LYS A 100 18.87 -14.46 7.70
C LYS A 100 19.26 -15.28 6.48
N ILE A 101 20.20 -14.75 5.69
CA ILE A 101 20.67 -15.50 4.51
C ILE A 101 21.24 -16.85 4.91
N ASN A 102 22.06 -16.85 5.96
CA ASN A 102 22.64 -18.10 6.47
C ASN A 102 21.56 -19.11 6.82
N ALA A 103 20.52 -18.66 7.52
CA ALA A 103 19.50 -19.58 7.98
C ALA A 103 18.78 -20.19 6.80
N VAL A 104 18.42 -19.38 5.83
CA VAL A 104 17.70 -19.90 4.67
C VAL A 104 18.60 -20.81 3.81
N ALA A 105 19.83 -20.38 3.58
CA ALA A 105 20.77 -21.18 2.78
C ALA A 105 21.00 -22.54 3.40
N THR A 106 21.14 -22.60 4.71
CA THR A 106 21.36 -23.89 5.37
C THR A 106 20.15 -24.80 5.15
N ALA A 107 18.95 -24.25 5.30
CA ALA A 107 17.73 -25.04 5.13
C ALA A 107 17.57 -25.56 3.68
N LEU A 108 18.02 -24.77 2.72
CA LEU A 108 17.91 -25.12 1.31
C LEU A 108 19.09 -25.95 0.81
N HIS A 109 20.06 -26.22 1.69
CA HIS A 109 21.28 -26.92 1.28
C HIS A 109 21.94 -26.16 0.13
N GLN A 110 22.05 -24.85 0.32
CA GLN A 110 22.72 -23.99 -0.65
C GLN A 110 23.72 -23.11 0.09
N THR A 111 24.54 -23.73 0.94
CA THR A 111 25.50 -22.97 1.77
C THR A 111 26.45 -22.10 0.94
N GLU A 112 26.94 -22.67 -0.16
CA GLU A 112 27.87 -21.92 -1.01
C GLU A 112 27.24 -20.67 -1.64
N LYS A 113 26.06 -20.81 -2.22
CA LYS A 113 25.37 -19.66 -2.77
C LYS A 113 25.04 -18.64 -1.66
N GLY A 114 24.74 -19.12 -0.46
CA GLY A 114 24.46 -18.23 0.66
C GLY A 114 25.70 -17.44 1.03
N GLN A 115 26.85 -18.09 1.02
CA GLN A 115 28.08 -17.41 1.37
C GLN A 115 28.38 -16.29 0.36
N LYS A 116 28.14 -16.55 -0.92
CA LYS A 116 28.34 -15.53 -1.93
C LYS A 116 27.35 -14.37 -1.80
N LEU A 117 26.09 -14.68 -1.49
CA LEU A 117 25.07 -13.65 -1.33
C LEU A 117 25.42 -12.74 -0.13
N ILE A 118 25.93 -13.37 0.93
CA ILE A 118 26.40 -12.64 2.10
C ILE A 118 27.59 -11.73 1.80
N GLU A 119 28.58 -12.27 1.10
CA GLU A 119 29.74 -11.45 0.71
C GLU A 119 29.27 -10.21 -0.07
N ASP A 120 28.35 -10.41 -1.01
CA ASP A 120 27.85 -9.29 -1.81
C ASP A 120 27.12 -8.28 -0.95
N TYR A 121 26.21 -8.75 -0.11
CA TYR A 121 25.44 -7.87 0.77
C TYR A 121 26.40 -7.05 1.64
N GLN A 122 27.39 -7.72 2.21
CA GLN A 122 28.31 -7.04 3.12
C GLN A 122 29.10 -5.93 2.44
N GLN A 123 29.49 -6.17 1.19
CA GLN A 123 30.21 -5.12 0.48
C GLN A 123 29.26 -3.95 0.16
N ARG A 124 28.02 -4.25 -0.25
CA ARG A 124 27.06 -3.19 -0.59
C ARG A 124 26.74 -2.37 0.65
N LEU A 125 26.61 -3.05 1.79
CA LEU A 125 26.36 -2.33 3.02
C LEU A 125 27.53 -1.44 3.44
N ALA A 126 28.75 -1.97 3.34
CA ALA A 126 29.93 -1.23 3.71
C ALA A 126 30.11 0.04 2.89
N ALA A 127 29.62 0.01 1.65
CA ALA A 127 29.76 1.17 0.77
C ALA A 127 28.85 2.35 1.10
N VAL A 128 27.82 2.14 1.91
CA VAL A 128 26.98 3.26 2.35
C VAL A 128 27.71 4.09 3.41
N ASN A 129 27.70 5.40 3.22
CA ASN A 129 28.27 6.30 4.21
C ASN A 129 27.35 6.37 5.43
N LYS A 130 27.87 5.98 6.59
CA LYS A 130 27.07 6.02 7.82
C LYS A 130 27.67 7.00 8.83
N THR A 131 28.61 7.83 8.40
CA THR A 131 29.19 8.84 9.29
C THR A 131 28.10 9.79 9.76
N PRO A 132 28.16 10.20 11.03
CA PRO A 132 27.07 11.03 11.52
C PRO A 132 26.80 12.28 10.68
N LEU A 133 25.50 12.56 10.47
CA LEU A 133 25.02 13.77 9.84
C LEU A 133 24.05 14.41 10.85
N PRO A 134 24.03 15.73 10.92
CA PRO A 134 23.20 16.43 11.90
C PRO A 134 21.78 16.61 11.40
N VAL A 135 21.14 15.50 11.09
CA VAL A 135 19.76 15.50 10.57
C VAL A 135 18.89 14.61 11.46
N LYS A 136 17.76 15.14 11.92
CA LYS A 136 16.83 14.43 12.78
C LYS A 136 15.68 13.91 11.93
N VAL A 137 15.35 12.63 12.09
CA VAL A 137 14.29 12.02 11.31
C VAL A 137 13.22 11.49 12.23
N LEU A 138 11.97 11.84 11.93
CA LEU A 138 10.79 11.30 12.65
C LEU A 138 10.14 10.24 11.76
N PHE A 139 10.04 9.02 12.25
CA PHE A 139 9.28 7.99 11.56
C PHE A 139 7.90 7.83 12.17
N VAL A 140 6.87 7.91 11.33
CA VAL A 140 5.48 7.75 11.78
C VAL A 140 4.96 6.42 11.29
N MET A 141 4.36 5.66 12.22
CA MET A 141 3.67 4.41 11.88
C MET A 141 2.19 4.68 12.01
N SER A 142 1.39 4.32 11.02
CA SER A 142 -0.05 4.56 11.11
C SER A 142 -0.92 3.45 10.54
N HIS A 143 -2.15 3.34 11.04
CA HIS A 143 -3.10 2.35 10.58
C HIS A 143 -4.39 2.97 10.03
N GLY A 144 -5.22 2.15 9.42
CA GLY A 144 -6.44 2.62 8.76
C GLY A 144 -7.26 3.60 9.57
N GLY A 145 -7.18 3.49 10.89
CA GLY A 145 -7.91 4.39 11.78
C GLY A 145 -7.33 4.41 13.17
N LEU A 146 -6.26 3.64 13.38
CA LEU A 146 -5.58 3.62 14.68
C LEU A 146 -4.70 4.85 14.81
N THR A 147 -4.54 5.32 16.04
CA THR A 147 -3.81 6.55 16.30
C THR A 147 -2.39 6.50 15.73
N PRO A 148 -2.02 7.55 14.99
CA PRO A 148 -0.67 7.64 14.44
C PRO A 148 0.36 7.62 15.56
N MET A 149 1.46 6.89 15.37
CA MET A 149 2.50 6.76 16.38
C MET A 149 3.86 7.17 15.88
N ALA A 150 4.71 7.56 16.80
CA ALA A 150 6.11 7.79 16.53
C ALA A 150 6.95 6.60 16.99
N ALA A 151 7.99 6.25 16.22
CA ALA A 151 8.92 5.19 16.60
C ALA A 151 10.06 5.75 17.41
N GLY A 152 10.29 5.15 18.58
CA GLY A 152 11.47 5.45 19.35
C GLY A 152 12.57 4.43 19.10
N GLN A 153 13.32 4.11 20.16
CA GLN A 153 14.44 3.18 20.02
C GLN A 153 13.92 1.73 20.02
N ASN A 154 14.81 0.82 19.66
CA ASN A 154 14.48 -0.61 19.56
C ASN A 154 13.34 -0.84 18.60
N THR A 155 13.38 -0.13 17.47
CA THR A 155 12.49 -0.32 16.35
C THR A 155 13.31 -0.49 15.07
N ALA A 156 12.71 -1.06 14.05
CA ALA A 156 13.38 -1.17 12.77
C ALA A 156 13.69 0.22 12.22
N ALA A 157 12.75 1.16 12.38
CA ALA A 157 12.94 2.50 11.83
C ALA A 157 14.14 3.19 12.49
N ASP A 158 14.28 3.05 13.81
CA ASP A 158 15.42 3.64 14.50
C ASP A 158 16.74 3.07 13.98
N ALA A 159 16.77 1.76 13.74
CA ALA A 159 17.97 1.11 13.26
C ALA A 159 18.35 1.60 11.86
N MET A 160 17.36 1.78 11.00
CA MET A 160 17.64 2.30 9.67
C MET A 160 18.14 3.73 9.71
N ILE A 161 17.49 4.58 10.52
CA ILE A 161 17.92 5.97 10.62
C ILE A 161 19.37 6.04 11.07
N ARG A 162 19.71 5.26 12.10
CA ARG A 162 21.09 5.26 12.58
C ARG A 162 22.10 4.70 11.59
N ALA A 163 21.72 3.67 10.86
CA ALA A 163 22.60 3.03 9.89
C ALA A 163 22.92 3.94 8.71
N ALA A 164 22.10 4.95 8.48
CA ALA A 164 22.37 5.91 7.42
C ALA A 164 23.10 7.14 7.95
N GLY A 165 23.37 7.15 9.24
CA GLY A 165 24.11 8.24 9.86
C GLY A 165 23.22 9.34 10.47
N GLY A 166 21.91 9.16 10.42
CA GLY A 166 21.02 10.17 10.97
C GLY A 166 20.74 9.95 12.43
N SER A 167 19.95 10.86 13.00
CA SER A 167 19.50 10.75 14.38
C SER A 167 18.00 10.60 14.41
N ASN A 168 17.50 9.71 15.25
CA ASN A 168 16.07 9.68 15.49
C ASN A 168 15.61 10.95 16.22
N ALA A 169 14.64 11.66 15.66
CA ALA A 169 14.07 12.82 16.35
C ALA A 169 13.47 12.46 17.71
N MET A 170 12.94 11.23 17.82
CA MET A 170 12.41 10.74 19.08
C MET A 170 13.48 10.03 19.87
N GLN A 171 13.65 10.43 21.14
CA GLN A 171 14.67 9.86 22.01
C GLN A 171 14.07 9.57 23.37
N GLY A 172 14.55 8.52 24.01
CA GLY A 172 14.24 8.29 25.42
C GLY A 172 13.16 7.27 25.73
N PHE A 173 12.60 6.66 24.69
CA PHE A 173 11.60 5.60 24.86
C PHE A 173 11.79 4.57 23.78
N SER A 174 11.26 3.38 24.01
CA SER A 174 11.35 2.29 23.05
C SER A 174 9.98 1.98 22.46
N ARG A 175 10.00 1.35 21.29
CA ARG A 175 8.78 1.00 20.57
C ARG A 175 8.02 2.25 20.19
N TYR A 176 6.68 2.25 20.29
CA TYR A 176 5.88 3.34 19.72
C TYR A 176 5.06 4.11 20.73
N ARG A 177 4.90 5.41 20.48
CA ARG A 177 4.03 6.24 21.31
C ARG A 177 3.11 7.08 20.42
N PRO A 178 1.89 7.35 20.85
CA PRO A 178 1.02 8.27 20.06
C PRO A 178 1.66 9.63 19.86
N LEU A 179 1.47 10.20 18.67
CA LEU A 179 1.94 11.55 18.42
C LEU A 179 1.20 12.56 19.29
N SER A 180 1.94 13.46 19.91
CA SER A 180 1.36 14.59 20.61
C SER A 180 1.95 15.88 20.03
N GLN A 181 1.18 16.95 20.03
CA GLN A 181 1.67 18.20 19.47
C GLN A 181 2.97 18.65 20.14
N GLU A 182 3.02 18.66 21.47
CA GLU A 182 4.21 19.15 22.16
C GLU A 182 5.43 18.28 21.92
N GLY A 183 5.23 16.97 21.90
CA GLY A 183 6.35 16.05 21.72
C GLY A 183 6.89 16.13 20.30
N VAL A 184 6.00 16.22 19.33
CA VAL A 184 6.44 16.36 17.93
C VAL A 184 7.21 17.67 17.72
N ILE A 185 6.67 18.78 18.23
CA ILE A 185 7.37 20.06 18.11
C ILE A 185 8.74 19.99 18.81
N ALA A 186 8.80 19.42 20.01
CA ALA A 186 10.08 19.33 20.71
C ALA A 186 11.08 18.46 19.95
N SER A 187 10.58 17.43 19.28
CA SER A 187 11.48 16.53 18.55
C SER A 187 12.10 17.21 17.33
N ALA A 188 11.40 18.20 16.76
CA ALA A 188 11.92 19.05 15.69
C ALA A 188 12.59 18.30 14.55
N PRO A 189 11.87 17.35 13.95
CA PRO A 189 12.49 16.63 12.85
C PRO A 189 12.77 17.49 11.63
N ASP A 190 13.84 17.17 10.93
CA ASP A 190 14.19 17.80 9.66
C ASP A 190 13.55 17.05 8.50
N LEU A 191 13.29 15.75 8.69
CA LEU A 191 12.72 14.90 7.64
C LEU A 191 11.67 14.00 8.25
N LEU A 192 10.54 13.84 7.56
CA LEU A 192 9.48 12.90 7.94
C LEU A 192 9.62 11.65 7.09
N LEU A 193 9.76 10.51 7.76
CA LEU A 193 9.89 9.21 7.10
C LEU A 193 8.60 8.44 7.36
N ILE A 194 8.07 7.77 6.33
CA ILE A 194 6.79 7.07 6.45
C ILE A 194 6.77 5.96 5.40
N THR A 195 5.98 4.92 5.62
CA THR A 195 5.83 3.88 4.59
C THR A 195 4.65 4.15 3.68
N THR A 196 4.61 3.43 2.55
CA THR A 196 3.46 3.54 1.66
C THR A 196 2.17 3.11 2.35
N ASP A 197 2.21 2.08 3.18
CA ASP A 197 1.01 1.69 3.90
C ASP A 197 0.63 2.73 4.95
N GLY A 198 1.62 3.42 5.51
CA GLY A 198 1.33 4.49 6.43
C GLY A 198 0.61 5.64 5.75
N VAL A 199 1.04 5.99 4.54
CA VAL A 199 0.33 7.02 3.78
C VAL A 199 -1.07 6.53 3.44
N LYS A 200 -1.20 5.27 3.05
CA LYS A 200 -2.51 4.73 2.73
C LYS A 200 -3.47 4.90 3.93
N ALA A 201 -2.97 4.58 5.13
CA ALA A 201 -3.81 4.69 6.32
C ALA A 201 -4.23 6.12 6.65
N LEU A 202 -3.38 7.09 6.35
CA LEU A 202 -3.73 8.48 6.54
C LEU A 202 -4.59 9.00 5.40
N GLY A 203 -4.64 8.28 4.28
CA GLY A 203 -5.45 8.68 3.13
C GLY A 203 -4.66 9.37 2.03
N SER A 204 -3.74 10.26 2.43
CA SER A 204 -2.91 10.97 1.47
C SER A 204 -1.69 11.52 2.15
N SER A 205 -0.71 11.87 1.35
CA SER A 205 0.49 12.50 1.89
C SER A 205 0.18 13.86 2.51
N GLU A 206 -0.81 14.57 2.01
CA GLU A 206 -1.07 15.88 2.57
C GLU A 206 -1.60 15.77 4.00
N ASN A 207 -2.24 14.64 4.33
CA ASN A 207 -2.70 14.44 5.73
C ASN A 207 -1.56 14.26 6.74
N ILE A 208 -0.35 13.94 6.24
CA ILE A 208 0.81 13.92 7.11
C ILE A 208 0.96 15.27 7.81
N TRP A 209 0.75 16.34 7.07
CA TRP A 209 1.04 17.68 7.61
C TRP A 209 -0.06 18.19 8.53
N LYS A 210 -1.10 17.40 8.73
CA LYS A 210 -2.17 17.73 9.69
C LYS A 210 -2.04 16.93 10.98
N LEU A 211 -1.02 16.08 11.06
CA LEU A 211 -0.77 15.29 12.28
C LEU A 211 -0.32 16.22 13.39
N PRO A 212 -0.49 15.81 14.65
CA PRO A 212 -0.18 16.71 15.76
C PRO A 212 1.21 17.31 15.70
N GLY A 213 1.29 18.65 15.70
CA GLY A 213 2.57 19.36 15.71
C GLY A 213 3.35 19.37 14.41
N MET A 214 2.92 18.58 13.43
CA MET A 214 3.80 18.33 12.29
C MET A 214 4.10 19.60 11.49
N ALA A 215 3.11 20.48 11.34
CA ALA A 215 3.30 21.71 10.57
C ALA A 215 4.24 22.69 11.27
N LEU A 216 4.49 22.45 12.57
CA LEU A 216 5.34 23.30 13.38
C LEU A 216 6.72 22.65 13.64
N THR A 217 7.20 21.90 12.66
CA THR A 217 8.54 21.31 12.67
C THR A 217 9.26 21.75 11.40
N PRO A 218 10.58 21.65 11.39
CA PRO A 218 11.30 21.97 10.14
C PRO A 218 10.82 21.14 8.96
N ALA A 219 10.60 19.85 9.17
CA ALA A 219 10.09 19.01 8.11
C ALA A 219 8.76 19.53 7.59
N GLY A 220 7.86 19.89 8.49
CA GLY A 220 6.55 20.37 8.08
C GLY A 220 6.60 21.70 7.36
N LYS A 221 7.50 22.58 7.78
CA LYS A 221 7.63 23.89 7.17
C LYS A 221 7.93 23.78 5.67
N HIS A 222 8.68 22.74 5.30
CA HIS A 222 9.06 22.53 3.90
C HIS A 222 8.44 21.28 3.28
N LYS A 223 7.50 20.65 3.98
CA LYS A 223 6.91 19.37 3.56
C LYS A 223 7.99 18.37 3.08
N ARG A 224 9.01 18.19 3.91
CA ARG A 224 10.15 17.35 3.58
C ARG A 224 9.87 15.93 4.02
N LEU A 225 9.73 15.03 3.07
CA LEU A 225 9.32 13.68 3.39
C LEU A 225 10.03 12.66 2.51
N LEU A 226 10.05 11.43 3.01
CA LEU A 226 10.50 10.29 2.25
C LEU A 226 9.53 9.17 2.53
N VAL A 227 8.84 8.73 1.48
CA VAL A 227 7.87 7.63 1.56
C VAL A 227 8.53 6.39 0.98
N VAL A 228 8.55 5.28 1.70
CA VAL A 228 9.21 4.06 1.21
C VAL A 228 8.29 2.85 1.35
N ASP A 229 8.39 1.89 0.43
CA ASP A 229 7.72 0.61 0.58
C ASP A 229 8.01 0.02 1.95
N ASP A 230 6.97 -0.44 2.64
CA ASP A 230 7.12 -0.94 4.01
C ASP A 230 8.18 -2.03 4.20
N MET A 231 8.11 -3.08 3.41
CA MET A 231 9.08 -4.16 3.59
C MET A 231 10.49 -3.76 3.19
N ALA A 232 10.66 -2.91 2.20
CA ALA A 232 12.01 -2.43 1.90
C ALA A 232 12.56 -1.60 3.06
N LEU A 233 11.74 -0.73 3.61
CA LEU A 233 12.22 0.15 4.67
C LEU A 233 12.48 -0.59 5.97
N LEU A 234 11.59 -1.48 6.37
CA LEU A 234 11.58 -2.00 7.73
C LEU A 234 11.91 -3.48 7.81
N GLY A 235 11.98 -4.14 6.67
CA GLY A 235 12.06 -5.59 6.66
C GLY A 235 13.45 -6.17 6.86
N PHE A 236 14.49 -5.37 6.67
CA PHE A 236 15.87 -5.86 6.81
C PHE A 236 16.15 -7.09 5.94
N GLY A 237 15.90 -6.91 4.64
CA GLY A 237 16.22 -7.89 3.62
C GLY A 237 17.38 -7.45 2.73
N LEU A 238 17.45 -8.07 1.55
CA LEU A 238 18.58 -7.87 0.66
C LEU A 238 18.70 -6.46 0.13
N GLU A 239 17.61 -5.70 0.14
CA GLU A 239 17.62 -4.35 -0.40
C GLU A 239 17.97 -3.30 0.65
N THR A 240 18.32 -3.74 1.85
CA THR A 240 18.64 -2.81 2.91
C THR A 240 19.73 -1.78 2.51
N PRO A 241 20.82 -2.21 1.84
CA PRO A 241 21.82 -1.18 1.49
C PRO A 241 21.26 -0.13 0.53
N GLN A 242 20.43 -0.53 -0.42
CA GLN A 242 19.89 0.46 -1.36
C GLN A 242 18.98 1.45 -0.66
N VAL A 243 18.20 0.96 0.28
CA VAL A 243 17.32 1.84 1.04
C VAL A 243 18.15 2.80 1.90
N LEU A 244 19.17 2.28 2.58
CA LEU A 244 20.05 3.13 3.38
C LEU A 244 20.74 4.18 2.53
N ALA A 245 21.17 3.80 1.32
CA ALA A 245 21.82 4.76 0.46
C ALA A 245 20.87 5.90 0.08
N GLN A 246 19.61 5.56 -0.17
CA GLN A 246 18.65 6.60 -0.51
C GLN A 246 18.28 7.48 0.67
N LEU A 247 18.13 6.88 1.84
CA LEU A 247 17.89 7.66 3.05
C LEU A 247 19.07 8.60 3.32
N ARG A 248 20.29 8.09 3.17
CA ARG A 248 21.49 8.92 3.33
C ARG A 248 21.47 10.11 2.36
N GLU A 249 21.20 9.82 1.11
CA GLU A 249 21.16 10.87 0.09
C GLU A 249 20.13 11.94 0.42
N LYS A 250 18.95 11.51 0.89
CA LYS A 250 17.89 12.46 1.23
C LYS A 250 18.31 13.35 2.39
N MET A 251 18.99 12.77 3.37
CA MET A 251 19.49 13.57 4.49
C MET A 251 20.60 14.51 4.03
N GLU A 252 21.45 14.07 3.11
CA GLU A 252 22.56 14.92 2.61
C GLU A 252 22.10 16.10 1.77
N GLN A 253 21.20 15.82 0.82
CA GLN A 253 20.68 16.84 -0.10
C GLN A 253 20.17 18.03 0.67
N MET A 254 19.67 17.76 1.87
CA MET A 254 19.23 18.81 2.78
C MET A 254 20.45 19.41 3.48
N ALA B 2 -30.21 -12.98 8.69
CA ALA B 2 -31.15 -13.33 7.63
C ALA B 2 -30.45 -13.40 6.27
N GLU B 3 -29.85 -12.29 5.86
CA GLU B 3 -29.14 -12.26 4.59
C GLU B 3 -27.64 -12.45 4.83
N ARG B 4 -26.97 -13.12 3.90
CA ARG B 4 -25.53 -13.30 3.98
C ARG B 4 -24.91 -12.70 2.72
N ILE B 5 -24.29 -11.54 2.87
CA ILE B 5 -23.85 -10.77 1.71
C ILE B 5 -22.34 -10.83 1.53
N VAL B 6 -21.90 -11.12 0.31
CA VAL B 6 -20.50 -10.96 -0.05
C VAL B 6 -20.43 -9.68 -0.91
N THR B 7 -19.58 -8.75 -0.52
CA THR B 7 -19.45 -7.50 -1.28
C THR B 7 -18.11 -7.46 -1.99
N ILE B 8 -18.14 -7.12 -3.27
CA ILE B 8 -16.95 -7.13 -4.11
C ILE B 8 -16.76 -5.75 -4.71
N GLY B 9 -15.64 -5.10 -4.36
CA GLY B 9 -15.39 -3.72 -4.75
C GLY B 9 -15.38 -2.85 -3.50
N GLY B 10 -14.25 -2.20 -3.22
CA GLY B 10 -14.13 -1.37 -2.02
C GLY B 10 -15.17 -0.25 -1.98
N ASP B 11 -15.56 0.23 -3.15
CA ASP B 11 -16.62 1.22 -3.26
C ASP B 11 -17.96 0.63 -2.79
N VAL B 12 -18.26 -0.56 -3.27
CA VAL B 12 -19.49 -1.26 -2.91
C VAL B 12 -19.58 -1.61 -1.41
N THR B 13 -18.52 -2.19 -0.86
CA THR B 13 -18.51 -2.55 0.54
C THR B 13 -18.75 -1.34 1.43
N GLU B 14 -18.02 -0.26 1.18
CA GLU B 14 -18.19 0.95 1.97
C GLU B 14 -19.60 1.49 1.91
N ILE B 15 -20.21 1.47 0.73
CA ILE B 15 -21.58 1.97 0.59
C ILE B 15 -22.55 1.07 1.36
N ALA B 16 -22.35 -0.25 1.28
CA ALA B 16 -23.20 -1.19 2.00
C ALA B 16 -23.18 -0.93 3.51
N TYR B 17 -21.99 -0.69 4.08
CA TYR B 17 -21.89 -0.33 5.49
C TYR B 17 -22.60 0.98 5.78
N ALA B 18 -22.42 1.95 4.89
CA ALA B 18 -23.00 3.28 5.07
C ALA B 18 -24.51 3.21 5.11
N LEU B 19 -25.06 2.17 4.50
CA LEU B 19 -26.50 2.00 4.37
C LEU B 19 -27.08 1.08 5.42
N GLY B 20 -26.24 0.68 6.37
CA GLY B 20 -26.68 -0.06 7.53
C GLY B 20 -26.79 -1.56 7.33
N ALA B 21 -26.09 -2.09 6.34
CA ALA B 21 -26.13 -3.54 6.08
C ALA B 21 -24.90 -4.28 6.59
N GLY B 22 -24.03 -3.57 7.31
CA GLY B 22 -22.74 -4.12 7.69
C GLY B 22 -22.81 -5.43 8.43
N ASP B 23 -23.90 -5.61 9.17
CA ASP B 23 -24.08 -6.80 10.00
C ASP B 23 -24.60 -7.99 9.19
N GLU B 24 -24.80 -7.78 7.89
CA GLU B 24 -25.21 -8.87 7.01
C GLU B 24 -24.09 -9.23 6.05
N ILE B 25 -23.00 -8.47 6.11
CA ILE B 25 -21.86 -8.72 5.24
C ILE B 25 -20.97 -9.80 5.86
N VAL B 26 -20.72 -10.87 5.11
CA VAL B 26 -19.95 -12.01 5.64
C VAL B 26 -18.54 -12.10 5.09
N ALA B 27 -18.31 -11.42 3.96
CA ALA B 27 -17.03 -11.52 3.27
C ALA B 27 -16.94 -10.40 2.26
N ARG B 28 -15.71 -10.06 1.88
CA ARG B 28 -15.45 -9.00 0.91
C ARG B 28 -14.21 -9.37 0.11
N ASP B 29 -13.86 -8.54 -0.87
CA ASP B 29 -12.65 -8.76 -1.66
C ASP B 29 -11.49 -7.95 -1.09
N SER B 30 -10.32 -8.11 -1.70
CA SER B 30 -9.11 -7.49 -1.19
C SER B 30 -9.13 -5.96 -1.22
N THR B 31 -9.73 -5.36 -2.26
CA THR B 31 -9.77 -3.91 -2.39
C THR B 31 -10.67 -3.23 -1.35
N SER B 32 -11.40 -4.02 -0.58
CA SER B 32 -12.33 -3.48 0.41
C SER B 32 -11.67 -3.34 1.78
N GLN B 33 -11.27 -2.12 2.13
CA GLN B 33 -10.60 -1.86 3.40
C GLN B 33 -11.32 -0.77 4.19
N GLN B 34 -12.50 -0.39 3.72
CA GLN B 34 -13.31 0.62 4.40
C GLN B 34 -14.76 0.16 4.58
N PRO B 35 -15.34 0.40 5.76
CA PRO B 35 -14.66 0.98 6.93
C PRO B 35 -13.71 -0.03 7.60
N GLN B 36 -13.15 0.33 8.74
CA GLN B 36 -12.24 -0.58 9.42
C GLN B 36 -12.89 -1.92 9.74
N ALA B 37 -14.19 -1.88 10.04
CA ALA B 37 -14.92 -3.11 10.34
C ALA B 37 -14.79 -4.14 9.21
N ALA B 38 -14.73 -3.65 7.98
CA ALA B 38 -14.60 -4.52 6.82
C ALA B 38 -13.25 -5.25 6.80
N GLN B 39 -12.22 -4.61 7.36
CA GLN B 39 -10.88 -5.18 7.36
C GLN B 39 -10.77 -6.47 8.17
N LYS B 40 -11.80 -6.75 8.97
CA LYS B 40 -11.80 -7.96 9.80
C LYS B 40 -12.53 -9.12 9.17
N LEU B 41 -13.22 -8.86 8.06
CA LEU B 41 -13.94 -9.91 7.35
C LEU B 41 -13.00 -10.74 6.52
N PRO B 42 -13.42 -11.97 6.17
CA PRO B 42 -12.67 -12.83 5.25
C PRO B 42 -12.45 -12.15 3.90
N ASP B 43 -11.28 -12.41 3.30
CA ASP B 43 -10.91 -11.89 2.00
C ASP B 43 -11.03 -13.01 0.96
N VAL B 44 -11.99 -12.86 0.05
CA VAL B 44 -12.26 -13.87 -0.97
C VAL B 44 -11.35 -13.73 -2.18
N GLY B 45 -10.42 -12.79 -2.12
CA GLY B 45 -9.47 -12.59 -3.21
C GLY B 45 -9.69 -11.31 -3.98
N TYR B 46 -8.95 -11.16 -5.07
CA TYR B 46 -8.99 -9.94 -5.89
C TYR B 46 -10.28 -9.86 -6.69
N MET B 47 -10.87 -8.66 -6.72
CA MET B 47 -12.06 -8.38 -7.50
C MET B 47 -11.91 -8.80 -8.97
N ARG B 48 -10.70 -8.67 -9.51
CA ARG B 48 -10.49 -8.96 -10.93
C ARG B 48 -9.94 -10.37 -11.15
N THR B 49 -9.91 -11.16 -10.08
CA THR B 49 -9.47 -12.55 -10.14
C THR B 49 -10.39 -13.44 -9.30
N LEU B 50 -11.69 -13.28 -9.48
CA LEU B 50 -12.65 -14.00 -8.67
C LEU B 50 -12.60 -15.51 -8.85
N ASN B 51 -12.81 -16.23 -7.76
CA ASN B 51 -12.92 -17.68 -7.78
C ASN B 51 -14.27 -18.11 -7.23
N ALA B 52 -15.02 -18.88 -8.01
CA ALA B 52 -16.36 -19.28 -7.61
C ALA B 52 -16.30 -20.04 -6.29
N GLU B 53 -15.37 -20.98 -6.20
CA GLU B 53 -15.19 -21.81 -5.02
C GLU B 53 -15.05 -20.98 -3.76
N GLY B 54 -14.12 -20.03 -3.78
CA GLY B 54 -13.82 -19.21 -2.62
C GLY B 54 -15.02 -18.41 -2.14
N ILE B 55 -15.80 -17.90 -3.09
CA ILE B 55 -17.00 -17.15 -2.76
C ILE B 55 -18.13 -18.03 -2.24
N LEU B 56 -18.33 -19.18 -2.89
CA LEU B 56 -19.46 -20.04 -2.52
C LEU B 56 -19.22 -20.68 -1.15
N ALA B 57 -17.95 -20.78 -0.75
CA ALA B 57 -17.60 -21.31 0.55
C ALA B 57 -18.07 -20.39 1.68
N MET B 58 -18.35 -19.14 1.36
CA MET B 58 -18.89 -18.21 2.35
C MET B 58 -20.39 -18.36 2.53
N LYS B 59 -21.00 -19.25 1.75
CA LYS B 59 -22.44 -19.51 1.82
C LYS B 59 -23.31 -18.25 1.66
N PRO B 60 -23.04 -17.45 0.62
CA PRO B 60 -23.78 -16.20 0.44
C PRO B 60 -25.22 -16.41 -0.03
N THR B 61 -26.09 -15.47 0.31
CA THR B 61 -27.43 -15.39 -0.26
C THR B 61 -27.46 -14.29 -1.32
N MET B 62 -26.54 -13.33 -1.21
CA MET B 62 -26.46 -12.23 -2.15
C MET B 62 -25.01 -11.89 -2.44
N LEU B 63 -24.71 -11.64 -3.70
CA LEU B 63 -23.41 -11.12 -4.10
C LEU B 63 -23.63 -9.72 -4.62
N LEU B 64 -23.14 -8.72 -3.89
CA LEU B 64 -23.19 -7.32 -4.31
C LEU B 64 -21.85 -6.99 -4.94
N VAL B 65 -21.82 -6.83 -6.27
CA VAL B 65 -20.55 -6.90 -6.97
C VAL B 65 -20.39 -5.77 -7.97
N SER B 66 -19.26 -5.08 -7.89
CA SER B 66 -18.91 -4.08 -8.87
C SER B 66 -18.91 -4.66 -10.28
N GLU B 67 -19.39 -3.89 -11.25
CA GLU B 67 -19.32 -4.34 -12.63
C GLU B 67 -17.88 -4.48 -13.13
N LEU B 68 -16.92 -4.01 -12.32
CA LEU B 68 -15.52 -4.07 -12.69
C LEU B 68 -14.94 -5.45 -12.36
N ALA B 69 -15.70 -6.27 -11.63
CA ALA B 69 -15.24 -7.60 -11.24
C ALA B 69 -15.04 -8.52 -12.45
N GLN B 70 -14.05 -9.40 -12.35
CA GLN B 70 -13.81 -10.41 -13.40
C GLN B 70 -13.37 -11.71 -12.73
N PRO B 71 -13.62 -12.86 -13.39
CA PRO B 71 -14.24 -13.06 -14.70
C PRO B 71 -15.76 -13.17 -14.62
N SER B 72 -16.45 -12.69 -15.66
CA SER B 72 -17.90 -12.71 -15.69
C SER B 72 -18.49 -14.11 -15.50
N LEU B 73 -17.82 -15.12 -16.02
CA LEU B 73 -18.34 -16.49 -15.93
C LEU B 73 -18.47 -16.95 -14.49
N VAL B 74 -17.60 -16.45 -13.62
CA VAL B 74 -17.69 -16.76 -12.20
C VAL B 74 -19.01 -16.21 -11.64
N LEU B 75 -19.36 -14.99 -12.06
CA LEU B 75 -20.62 -14.39 -11.60
C LEU B 75 -21.79 -15.19 -12.12
N THR B 76 -21.68 -15.69 -13.34
CA THR B 76 -22.77 -16.47 -13.92
C THR B 76 -22.92 -17.79 -13.16
N GLN B 77 -21.80 -18.40 -12.83
CA GLN B 77 -21.82 -19.67 -12.09
C GLN B 77 -22.47 -19.48 -10.72
N ILE B 78 -22.14 -18.38 -10.07
CA ILE B 78 -22.68 -18.12 -8.74
C ILE B 78 -24.19 -17.86 -8.82
N ALA B 79 -24.60 -17.04 -9.79
CA ALA B 79 -26.01 -16.83 -10.05
C ALA B 79 -26.75 -18.13 -10.33
N SER B 80 -26.15 -18.97 -11.15
CA SER B 80 -26.79 -20.25 -11.50
C SER B 80 -27.01 -21.14 -10.28
N SER B 81 -26.22 -20.93 -9.23
CA SER B 81 -26.36 -21.74 -8.01
C SER B 81 -27.47 -21.22 -7.10
N GLY B 82 -28.11 -20.13 -7.50
CA GLY B 82 -29.23 -19.57 -6.74
C GLY B 82 -28.89 -18.34 -5.92
N VAL B 83 -27.65 -17.87 -6.00
CA VAL B 83 -27.26 -16.65 -5.32
C VAL B 83 -27.81 -15.43 -6.07
N ASN B 84 -28.34 -14.46 -5.34
CA ASN B 84 -28.81 -13.23 -5.96
C ASN B 84 -27.61 -12.33 -6.26
N VAL B 85 -27.23 -12.26 -7.52
CA VAL B 85 -26.06 -11.47 -7.91
C VAL B 85 -26.55 -10.10 -8.40
N VAL B 86 -26.15 -9.06 -7.69
CA VAL B 86 -26.58 -7.71 -8.01
C VAL B 86 -25.35 -6.91 -8.42
N THR B 87 -25.33 -6.42 -9.65
CA THR B 87 -24.16 -5.70 -10.13
C THR B 87 -24.30 -4.21 -9.79
N VAL B 88 -23.17 -3.59 -9.51
CA VAL B 88 -23.14 -2.17 -9.15
C VAL B 88 -22.34 -1.47 -10.25
N PRO B 89 -22.83 -0.33 -10.76
CA PRO B 89 -22.10 0.24 -11.90
C PRO B 89 -20.72 0.75 -11.49
N GLY B 90 -19.84 0.90 -12.48
CA GLY B 90 -18.48 1.31 -12.24
C GLY B 90 -18.01 2.41 -13.19
N GLN B 91 -18.78 3.50 -13.27
CA GLN B 91 -18.35 4.62 -14.08
C GLN B 91 -17.27 5.44 -13.36
N THR B 92 -16.52 6.22 -14.13
CA THR B 92 -15.41 7.01 -13.57
C THR B 92 -15.72 8.50 -13.65
N THR B 93 -16.89 8.90 -13.15
CA THR B 93 -17.17 10.31 -12.91
C THR B 93 -17.58 10.50 -11.46
N PRO B 94 -17.24 11.65 -10.87
CA PRO B 94 -17.65 11.87 -9.48
C PRO B 94 -19.17 11.85 -9.29
N GLU B 95 -19.93 12.36 -10.27
CA GLU B 95 -21.38 12.44 -10.09
C GLU B 95 -22.00 11.04 -10.05
N SER B 96 -21.39 10.10 -10.77
CA SER B 96 -22.01 8.78 -10.93
C SER B 96 -21.95 7.92 -9.69
N VAL B 97 -21.22 8.36 -8.68
CA VAL B 97 -21.16 7.59 -7.45
C VAL B 97 -22.57 7.44 -6.87
N ALA B 98 -23.44 8.42 -7.14
CA ALA B 98 -24.81 8.35 -6.68
C ALA B 98 -25.53 7.14 -7.27
N MET B 99 -25.13 6.72 -8.46
CA MET B 99 -25.78 5.56 -9.06
C MET B 99 -25.36 4.27 -8.38
N LYS B 100 -24.14 4.25 -7.85
CA LYS B 100 -23.72 3.12 -7.03
C LYS B 100 -24.54 3.06 -5.76
N ILE B 101 -24.75 4.20 -5.12
CA ILE B 101 -25.53 4.25 -3.90
C ILE B 101 -26.94 3.74 -4.19
N ASN B 102 -27.55 4.22 -5.27
CA ASN B 102 -28.88 3.75 -5.61
C ASN B 102 -28.93 2.24 -5.83
N ALA B 103 -27.95 1.70 -6.55
CA ALA B 103 -27.97 0.27 -6.86
C ALA B 103 -27.91 -0.57 -5.58
N VAL B 104 -27.08 -0.16 -4.64
CA VAL B 104 -26.96 -0.90 -3.38
C VAL B 104 -28.20 -0.71 -2.51
N ALA B 105 -28.68 0.52 -2.39
CA ALA B 105 -29.87 0.80 -1.56
C ALA B 105 -31.08 0.02 -2.06
N THR B 106 -31.21 -0.07 -3.38
CA THR B 106 -32.29 -0.85 -3.98
C THR B 106 -32.17 -2.34 -3.59
N ALA B 107 -30.96 -2.89 -3.71
CA ALA B 107 -30.75 -4.31 -3.39
C ALA B 107 -31.03 -4.60 -1.92
N LEU B 108 -30.69 -3.66 -1.04
CA LEU B 108 -30.85 -3.82 0.40
C LEU B 108 -32.25 -3.44 0.87
N HIS B 109 -33.10 -3.00 -0.05
CA HIS B 109 -34.45 -2.57 0.32
C HIS B 109 -34.38 -1.45 1.36
N GLN B 110 -33.46 -0.52 1.14
CA GLN B 110 -33.32 0.64 2.01
C GLN B 110 -33.30 1.91 1.17
N THR B 111 -34.36 2.15 0.42
CA THR B 111 -34.35 3.25 -0.53
C THR B 111 -34.35 4.62 0.18
N GLU B 112 -34.98 4.72 1.34
CA GLU B 112 -35.00 5.99 2.07
C GLU B 112 -33.60 6.35 2.57
N LYS B 113 -32.92 5.39 3.18
CA LYS B 113 -31.55 5.62 3.59
C LYS B 113 -30.68 5.97 2.38
N GLY B 114 -30.96 5.31 1.27
CA GLY B 114 -30.23 5.55 0.05
C GLY B 114 -30.35 6.99 -0.42
N GLN B 115 -31.58 7.50 -0.39
CA GLN B 115 -31.80 8.86 -0.84
C GLN B 115 -31.11 9.86 0.07
N LYS B 116 -31.14 9.62 1.38
CA LYS B 116 -30.44 10.52 2.30
C LYS B 116 -28.92 10.52 2.00
N LEU B 117 -28.36 9.34 1.72
CA LEU B 117 -26.94 9.25 1.44
C LEU B 117 -26.59 9.93 0.10
N ILE B 118 -27.47 9.74 -0.88
CA ILE B 118 -27.31 10.37 -2.17
C ILE B 118 -27.31 11.90 -2.05
N GLU B 119 -28.24 12.42 -1.25
CA GLU B 119 -28.33 13.86 -1.07
C GLU B 119 -27.09 14.41 -0.36
N ASP B 120 -26.64 13.72 0.67
CA ASP B 120 -25.40 14.11 1.35
C ASP B 120 -24.23 14.12 0.35
N TYR B 121 -24.13 13.07 -0.45
CA TYR B 121 -23.08 12.96 -1.46
C TYR B 121 -23.13 14.13 -2.45
N GLN B 122 -24.31 14.38 -2.99
CA GLN B 122 -24.50 15.47 -3.94
C GLN B 122 -24.04 16.80 -3.32
N GLN B 123 -24.41 17.02 -2.06
CA GLN B 123 -24.09 18.28 -1.39
C GLN B 123 -22.59 18.43 -1.18
N ARG B 124 -21.93 17.33 -0.82
CA ARG B 124 -20.48 17.39 -0.63
C ARG B 124 -19.78 17.61 -1.96
N LEU B 125 -20.25 16.96 -3.03
CA LEU B 125 -19.63 17.15 -4.33
C LEU B 125 -19.83 18.58 -4.80
N ALA B 126 -21.04 19.10 -4.56
CA ALA B 126 -21.37 20.48 -4.98
C ALA B 126 -20.51 21.50 -4.25
N ALA B 127 -20.05 21.14 -3.05
CA ALA B 127 -19.28 22.08 -2.25
C ALA B 127 -17.86 22.26 -2.80
N VAL B 128 -17.44 21.38 -3.70
CA VAL B 128 -16.14 21.54 -4.37
C VAL B 128 -16.31 22.59 -5.48
N ASN B 129 -15.71 23.76 -5.29
CA ASN B 129 -15.87 24.89 -6.23
C ASN B 129 -15.46 24.47 -7.65
N LYS B 130 -16.23 24.88 -8.66
CA LYS B 130 -16.00 24.42 -10.03
C LYS B 130 -15.10 25.35 -10.86
N THR B 131 -14.62 26.43 -10.26
CA THR B 131 -13.75 27.35 -11.00
C THR B 131 -12.38 26.72 -11.29
N PRO B 132 -11.95 26.70 -12.56
CA PRO B 132 -10.64 26.15 -12.91
C PRO B 132 -9.47 26.91 -12.31
N LEU B 133 -8.43 26.16 -11.95
CA LEU B 133 -7.19 26.73 -11.44
C LEU B 133 -6.08 26.51 -12.46
N PRO B 134 -5.15 27.45 -12.58
CA PRO B 134 -4.08 27.39 -13.59
C PRO B 134 -2.92 26.48 -13.15
N VAL B 135 -3.24 25.21 -12.93
CA VAL B 135 -2.29 24.25 -12.39
C VAL B 135 -2.36 22.96 -13.22
N LYS B 136 -1.21 22.50 -13.70
CA LYS B 136 -1.11 21.32 -14.53
C LYS B 136 -0.67 20.15 -13.67
N VAL B 137 -1.38 19.03 -13.80
CA VAL B 137 -1.11 17.86 -12.97
C VAL B 137 -0.74 16.67 -13.86
N LEU B 138 0.34 15.97 -13.51
CA LEU B 138 0.71 14.72 -14.21
C LEU B 138 0.38 13.56 -13.27
N PHE B 139 -0.43 12.60 -13.74
CA PHE B 139 -0.67 11.38 -13.01
C PHE B 139 0.15 10.24 -13.59
N VAL B 140 0.92 9.58 -12.72
CA VAL B 140 1.74 8.45 -13.12
C VAL B 140 1.22 7.16 -12.50
N MET B 141 1.17 6.11 -13.32
CA MET B 141 0.80 4.76 -12.85
C MET B 141 1.99 3.82 -13.06
N SER B 142 2.24 2.94 -12.11
CA SER B 142 3.30 1.95 -12.27
C SER B 142 2.88 0.87 -13.26
N HIS B 143 3.87 0.25 -13.88
CA HIS B 143 3.63 -0.86 -14.78
C HIS B 143 4.53 -2.01 -14.34
N GLY B 144 4.54 -2.28 -13.04
CA GLY B 144 5.42 -3.27 -12.46
C GLY B 144 6.87 -2.93 -12.73
N GLY B 145 7.54 -3.79 -13.49
CA GLY B 145 8.96 -3.63 -13.74
C GLY B 145 9.30 -2.78 -14.95
N LEU B 146 8.28 -2.29 -15.65
CA LEU B 146 8.50 -1.49 -16.85
C LEU B 146 8.49 -0.01 -16.53
N THR B 147 8.73 0.83 -17.53
CA THR B 147 8.67 2.25 -17.33
C THR B 147 7.25 2.60 -16.90
N PRO B 148 7.11 3.43 -15.87
CA PRO B 148 5.76 3.87 -15.51
C PRO B 148 5.07 4.57 -16.68
N MET B 149 3.76 4.79 -16.53
CA MET B 149 2.95 5.39 -17.59
C MET B 149 2.29 6.68 -17.17
N ALA B 150 2.02 7.56 -18.13
CA ALA B 150 1.28 8.77 -17.86
C ALA B 150 -0.15 8.57 -18.31
N ALA B 151 -1.07 9.12 -17.54
CA ALA B 151 -2.49 9.12 -17.91
C ALA B 151 -2.86 10.30 -18.81
N GLY B 152 -3.41 9.98 -19.99
CA GLY B 152 -3.99 11.00 -20.84
C GLY B 152 -5.49 11.18 -20.59
N GLN B 153 -6.22 11.52 -21.66
CA GLN B 153 -7.66 11.70 -21.54
C GLN B 153 -8.36 10.34 -21.49
N ASN B 154 -9.63 10.36 -21.15
CA ASN B 154 -10.42 9.14 -21.05
C ASN B 154 -9.83 8.16 -20.05
N THR B 155 -9.33 8.72 -18.95
CA THR B 155 -8.88 7.96 -17.78
C THR B 155 -9.54 8.47 -16.51
N ALA B 156 -9.59 7.61 -15.50
CA ALA B 156 -10.14 8.02 -14.21
C ALA B 156 -9.34 9.16 -13.62
N ALA B 157 -8.01 9.11 -13.72
CA ALA B 157 -7.19 10.19 -13.20
C ALA B 157 -7.49 11.53 -13.87
N ASP B 158 -7.67 11.53 -15.21
CA ASP B 158 -8.00 12.76 -15.92
C ASP B 158 -9.32 13.35 -15.39
N ALA B 159 -10.29 12.47 -15.14
CA ALA B 159 -11.58 12.93 -14.62
C ALA B 159 -11.43 13.56 -13.23
N MET B 160 -10.60 12.98 -12.39
CA MET B 160 -10.40 13.51 -11.04
C MET B 160 -9.67 14.83 -11.09
N ILE B 161 -8.65 14.93 -11.94
CA ILE B 161 -7.93 16.19 -12.06
C ILE B 161 -8.87 17.34 -12.48
N ARG B 162 -9.66 17.10 -13.52
CA ARG B 162 -10.58 18.13 -13.99
C ARG B 162 -11.66 18.46 -12.98
N ALA B 163 -12.15 17.46 -12.24
CA ALA B 163 -13.22 17.67 -11.28
C ALA B 163 -12.75 18.52 -10.10
N ALA B 164 -11.45 18.51 -9.84
CA ALA B 164 -10.88 19.32 -8.77
C ALA B 164 -10.53 20.73 -9.25
N GLY B 165 -10.59 20.96 -10.55
CA GLY B 165 -10.31 22.25 -11.13
C GLY B 165 -8.96 22.37 -11.82
N GLY B 166 -8.22 21.27 -11.92
CA GLY B 166 -6.91 21.32 -12.54
C GLY B 166 -6.95 20.96 -14.01
N SER B 167 -5.79 21.08 -14.64
CA SER B 167 -5.62 20.70 -16.02
C SER B 167 -4.71 19.48 -16.05
N ASN B 168 -5.04 18.48 -16.86
CA ASN B 168 -4.07 17.40 -17.07
C ASN B 168 -2.88 17.94 -17.87
N ALA B 169 -1.68 17.76 -17.33
CA ALA B 169 -0.47 18.15 -18.03
C ALA B 169 -0.34 17.41 -19.35
N MET B 170 -0.86 16.19 -19.41
CA MET B 170 -0.83 15.37 -20.62
C MET B 170 -2.08 15.64 -21.46
N GLN B 171 -1.89 16.03 -22.72
CA GLN B 171 -3.00 16.33 -23.61
C GLN B 171 -2.76 15.73 -24.97
N GLY B 172 -3.85 15.35 -25.63
CA GLY B 172 -3.76 14.93 -27.02
C GLY B 172 -3.71 13.45 -27.26
N PHE B 173 -3.81 12.65 -26.20
CA PHE B 173 -3.91 11.21 -26.36
C PHE B 173 -4.78 10.66 -25.26
N SER B 174 -5.27 9.43 -25.46
CA SER B 174 -6.16 8.78 -24.51
C SER B 174 -5.52 7.56 -23.90
N ARG B 175 -6.05 7.13 -22.74
CA ARG B 175 -5.52 6.01 -21.99
C ARG B 175 -4.09 6.30 -21.58
N TYR B 176 -3.21 5.30 -21.59
CA TYR B 176 -1.91 5.45 -20.96
C TYR B 176 -0.78 5.38 -21.96
N ARG B 177 0.33 6.06 -21.68
CA ARG B 177 1.52 5.94 -22.50
C ARG B 177 2.75 5.86 -21.62
N PRO B 178 3.77 5.09 -22.01
CA PRO B 178 4.99 5.06 -21.19
C PRO B 178 5.63 6.43 -21.13
N LEU B 179 6.15 6.79 -19.97
CA LEU B 179 6.83 8.07 -19.81
C LEU B 179 8.04 8.14 -20.72
N SER B 180 8.20 9.28 -21.38
CA SER B 180 9.42 9.58 -22.11
C SER B 180 9.95 10.91 -21.60
N GLN B 181 11.26 11.09 -21.68
CA GLN B 181 11.83 12.34 -21.26
C GLN B 181 11.18 13.51 -22.00
N GLU B 182 11.03 13.40 -23.31
CA GLU B 182 10.51 14.55 -24.06
C GLU B 182 9.06 14.83 -23.74
N GLY B 183 8.25 13.79 -23.60
CA GLY B 183 6.85 13.99 -23.30
C GLY B 183 6.65 14.58 -21.92
N VAL B 184 7.40 14.12 -20.92
CA VAL B 184 7.29 14.67 -19.58
C VAL B 184 7.71 16.14 -19.54
N ILE B 185 8.84 16.45 -20.17
CA ILE B 185 9.30 17.83 -20.19
C ILE B 185 8.29 18.73 -20.88
N ALA B 186 7.75 18.28 -22.01
CA ALA B 186 6.78 19.12 -22.72
C ALA B 186 5.49 19.31 -21.93
N SER B 187 5.12 18.30 -21.16
CA SER B 187 3.89 18.36 -20.35
C SER B 187 4.01 19.38 -19.21
N ALA B 188 5.23 19.57 -18.70
CA ALA B 188 5.52 20.62 -17.72
C ALA B 188 4.56 20.66 -16.52
N PRO B 189 4.37 19.51 -15.84
CA PRO B 189 3.44 19.52 -14.71
C PRO B 189 3.93 20.40 -13.55
N ASP B 190 2.97 21.02 -12.85
CA ASP B 190 3.25 21.72 -11.61
C ASP B 190 3.17 20.81 -10.41
N LEU B 191 2.36 19.74 -10.53
CA LEU B 191 2.09 18.81 -9.43
C LEU B 191 2.13 17.41 -9.99
N LEU B 192 2.79 16.50 -9.25
CA LEU B 192 2.86 15.09 -9.59
C LEU B 192 1.87 14.35 -8.69
N LEU B 193 0.90 13.66 -9.30
CA LEU B 193 -0.12 12.91 -8.58
C LEU B 193 0.19 11.43 -8.78
N ILE B 194 0.07 10.66 -7.69
CA ILE B 194 0.42 9.23 -7.73
C ILE B 194 -0.30 8.51 -6.61
N THR B 195 -0.52 7.21 -6.77
CA THR B 195 -1.15 6.48 -5.68
C THR B 195 -0.11 5.86 -4.76
N THR B 196 -0.58 5.40 -3.59
CA THR B 196 0.31 4.70 -2.68
C THR B 196 0.89 3.43 -3.30
N ASP B 197 0.08 2.70 -4.08
CA ASP B 197 0.60 1.50 -4.75
C ASP B 197 1.59 1.89 -5.84
N GLY B 198 1.39 3.05 -6.46
CA GLY B 198 2.34 3.55 -7.43
C GLY B 198 3.69 3.83 -6.78
N VAL B 199 3.69 4.47 -5.63
CA VAL B 199 4.93 4.71 -4.91
C VAL B 199 5.55 3.39 -4.47
N LYS B 200 4.73 2.46 -3.98
CA LYS B 200 5.25 1.14 -3.59
C LYS B 200 5.99 0.46 -4.76
N ALA B 201 5.40 0.50 -5.95
CA ALA B 201 6.02 -0.11 -7.11
C ALA B 201 7.33 0.56 -7.52
N LEU B 202 7.42 1.88 -7.36
CA LEU B 202 8.65 2.59 -7.66
C LEU B 202 9.69 2.40 -6.55
N GLY B 203 9.24 1.99 -5.37
CA GLY B 203 10.09 1.74 -4.22
C GLY B 203 10.08 2.86 -3.19
N SER B 204 10.10 4.09 -3.68
CA SER B 204 10.08 5.26 -2.81
C SER B 204 9.63 6.49 -3.56
N SER B 205 9.27 7.51 -2.78
CA SER B 205 8.92 8.79 -3.38
C SER B 205 10.10 9.46 -4.06
N GLU B 206 11.31 9.25 -3.56
CA GLU B 206 12.44 9.87 -4.20
C GLU B 206 12.67 9.30 -5.60
N ASN B 207 12.22 8.07 -5.83
CA ASN B 207 12.37 7.47 -7.16
C ASN B 207 11.45 8.14 -8.21
N ILE B 208 10.40 8.82 -7.77
CA ILE B 208 9.56 9.58 -8.68
C ILE B 208 10.39 10.59 -9.44
N TRP B 209 11.30 11.24 -8.72
CA TRP B 209 12.02 12.37 -9.31
C TRP B 209 13.12 11.91 -10.26
N LYS B 210 13.39 10.60 -10.29
CA LYS B 210 14.35 10.01 -11.23
C LYS B 210 13.70 9.51 -12.52
N LEU B 211 12.36 9.58 -12.60
CA LEU B 211 11.64 9.18 -13.80
C LEU B 211 11.98 10.07 -14.99
N PRO B 212 11.84 9.55 -16.22
CA PRO B 212 12.27 10.29 -17.42
C PRO B 212 11.69 11.71 -17.48
N GLY B 213 12.57 12.70 -17.56
CA GLY B 213 12.13 14.08 -17.71
C GLY B 213 11.73 14.81 -16.42
N MET B 214 11.53 14.07 -15.32
CA MET B 214 10.89 14.69 -14.16
C MET B 214 11.70 15.81 -13.55
N ALA B 215 13.02 15.69 -13.57
CA ALA B 215 13.87 16.71 -13.00
C ALA B 215 13.73 18.07 -13.70
N LEU B 216 13.26 18.05 -14.95
CA LEU B 216 13.13 19.27 -15.72
C LEU B 216 11.69 19.70 -15.89
N THR B 217 10.92 19.51 -14.83
CA THR B 217 9.53 19.97 -14.76
C THR B 217 9.40 20.83 -13.51
N PRO B 218 8.39 21.72 -13.46
CA PRO B 218 8.24 22.49 -12.22
C PRO B 218 7.97 21.58 -11.01
N ALA B 219 7.17 20.52 -11.19
CA ALA B 219 6.92 19.57 -10.10
C ALA B 219 8.20 18.97 -9.60
N GLY B 220 9.09 18.61 -10.51
CA GLY B 220 10.35 17.99 -10.10
C GLY B 220 11.29 18.97 -9.43
N LYS B 221 11.34 20.19 -9.94
CA LYS B 221 12.19 21.22 -9.34
C LYS B 221 11.82 21.47 -7.87
N HIS B 222 10.54 21.36 -7.55
CA HIS B 222 10.06 21.65 -6.19
C HIS B 222 9.68 20.38 -5.43
N LYS B 223 9.90 19.22 -6.03
CA LYS B 223 9.40 17.94 -5.49
C LYS B 223 7.96 18.04 -4.99
N ARG B 224 7.10 18.58 -5.87
CA ARG B 224 5.72 18.85 -5.49
C ARG B 224 4.84 17.67 -5.84
N LEU B 225 4.34 17.01 -4.83
CA LEU B 225 3.58 15.78 -5.06
C LEU B 225 2.39 15.64 -4.15
N LEU B 226 1.46 14.82 -4.61
CA LEU B 226 0.35 14.38 -3.81
C LEU B 226 0.19 12.89 -4.02
N VAL B 227 0.37 12.13 -2.94
CA VAL B 227 0.24 10.66 -2.96
C VAL B 227 -1.09 10.32 -2.31
N VAL B 228 -1.92 9.54 -2.99
CA VAL B 228 -3.27 9.24 -2.49
C VAL B 228 -3.53 7.75 -2.47
N ASP B 229 -4.25 7.26 -1.47
CA ASP B 229 -4.69 5.88 -1.47
C ASP B 229 -5.37 5.54 -2.81
N ASP B 230 -5.01 4.40 -3.43
CA ASP B 230 -5.56 4.05 -4.73
C ASP B 230 -7.07 4.01 -4.80
N MET B 231 -7.71 3.36 -3.82
CA MET B 231 -9.16 3.24 -3.89
C MET B 231 -9.85 4.58 -3.71
N ALA B 232 -9.26 5.46 -2.89
CA ALA B 232 -9.83 6.79 -2.73
C ALA B 232 -9.70 7.57 -4.00
N LEU B 233 -8.52 7.51 -4.63
CA LEU B 233 -8.30 8.35 -5.80
C LEU B 233 -9.08 7.87 -7.02
N LEU B 234 -9.09 6.56 -7.25
CA LEU B 234 -9.53 6.01 -8.53
C LEU B 234 -10.73 5.06 -8.42
N GLY B 235 -11.20 4.87 -7.19
CA GLY B 235 -12.28 3.91 -6.92
C GLY B 235 -13.70 4.47 -7.04
N PHE B 236 -13.82 5.80 -7.07
CA PHE B 236 -15.13 6.43 -7.16
C PHE B 236 -16.11 5.91 -6.12
N GLY B 237 -15.71 6.04 -4.87
CA GLY B 237 -16.60 5.75 -3.75
C GLY B 237 -17.05 7.00 -3.01
N LEU B 238 -17.54 6.78 -1.80
CA LEU B 238 -18.09 7.87 -0.98
C LEU B 238 -17.09 8.97 -0.64
N GLU B 239 -15.81 8.63 -0.67
CA GLU B 239 -14.79 9.61 -0.31
C GLU B 239 -14.41 10.49 -1.50
N THR B 240 -15.04 10.31 -2.66
CA THR B 240 -14.61 11.07 -3.84
C THR B 240 -14.59 12.59 -3.60
N PRO B 241 -15.66 13.17 -3.02
CA PRO B 241 -15.61 14.61 -2.74
C PRO B 241 -14.45 15.03 -1.84
N GLN B 242 -14.09 14.24 -0.83
CA GLN B 242 -13.01 14.62 0.05
C GLN B 242 -11.68 14.59 -0.69
N VAL B 243 -11.51 13.62 -1.58
CA VAL B 243 -10.29 13.53 -2.38
C VAL B 243 -10.19 14.72 -3.33
N LEU B 244 -11.30 15.04 -4.00
CA LEU B 244 -11.31 16.20 -4.90
C LEU B 244 -11.01 17.49 -4.13
N ALA B 245 -11.59 17.64 -2.93
CA ALA B 245 -11.33 18.83 -2.13
C ALA B 245 -9.87 18.93 -1.75
N GLN B 246 -9.23 17.81 -1.43
CA GLN B 246 -7.82 17.88 -1.07
C GLN B 246 -6.92 18.15 -2.27
N LEU B 247 -7.26 17.59 -3.42
CA LEU B 247 -6.50 17.87 -4.63
C LEU B 247 -6.66 19.36 -4.97
N ARG B 248 -7.89 19.88 -4.85
CA ARG B 248 -8.12 21.30 -5.12
C ARG B 248 -7.32 22.18 -4.17
N GLU B 249 -7.33 21.84 -2.88
CA GLU B 249 -6.61 22.65 -1.90
C GLU B 249 -5.11 22.61 -2.18
N LYS B 250 -4.59 21.46 -2.59
CA LYS B 250 -3.17 21.35 -2.91
C LYS B 250 -2.84 22.29 -4.06
N MET B 251 -3.70 22.30 -5.07
CA MET B 251 -3.49 23.19 -6.21
C MET B 251 -3.65 24.67 -5.84
N GLU B 252 -4.61 24.97 -4.96
CA GLU B 252 -4.79 26.35 -4.46
C GLU B 252 -3.59 26.84 -3.68
N GLN B 253 -2.99 25.97 -2.88
CA GLN B 253 -1.84 26.33 -2.03
C GLN B 253 -0.69 26.81 -2.90
N MET B 254 -0.64 26.29 -4.12
CA MET B 254 0.42 26.60 -5.07
C MET B 254 0.14 27.93 -5.77
#